data_5USO
#
_entry.id   5USO
#
_cell.length_a   44.560
_cell.length_b   57.610
_cell.length_c   66.760
_cell.angle_alpha   90.00
_cell.angle_beta   90.00
_cell.angle_gamma   90.00
#
_symmetry.space_group_name_H-M   'P 21 21 21'
#
loop_
_entity.id
_entity.type
_entity.pdbx_description
1 polymer 'Protection of telomeres protein 1'
2 polymer "7-9R_9mer DNA/RNA (5'-D(*GP*GP*TP*TP*AP*C)-R(P*GP*GP*U)-3')"
3 water water
#
loop_
_entity_poly.entity_id
_entity_poly.type
_entity_poly.pdbx_seq_one_letter_code
_entity_poly.pdbx_strand_id
1 'polypeptide(L)'
;DSFSLLSQITPHQRCSFYAQVIKTWYSDKNFTLYVTDYTENELFFPMSPYTSSSRWRGPFGRFSIRCILWDEHDFYCRNY
IKEGDYVVMKNVRTKIDHLGYLECILHGDSAKRYNMSIEKVDSEEPELNEIKSRKRLYV
;
A
2 'polydeoxyribonucleotide/polyribonucleotide hybrid' (DG)(DG)(DT)(DT)(DA)(DC)GGU B
#
# COMPACT_ATOMS: atom_id res chain seq x y z
N ASP A 1 18.77 0.51 -5.07
CA ASP A 1 17.95 0.51 -3.86
C ASP A 1 17.45 -0.89 -3.60
N SER A 2 16.80 -1.09 -2.46
CA SER A 2 16.31 -2.41 -2.12
C SER A 2 14.89 -2.36 -1.58
N PHE A 3 14.29 -3.54 -1.43
CA PHE A 3 12.95 -3.63 -0.92
C PHE A 3 12.94 -3.62 0.60
N SER A 4 11.82 -3.17 1.14
CA SER A 4 11.62 -3.09 2.57
C SER A 4 10.28 -3.73 2.93
N LEU A 5 10.24 -4.36 4.10
CA LEU A 5 8.97 -4.69 4.72
C LEU A 5 8.32 -3.41 5.23
N LEU A 6 6.98 -3.38 5.20
CA LEU A 6 6.29 -2.18 5.65
C LEU A 6 6.55 -1.87 7.12
N SER A 7 7.01 -2.86 7.88
CA SER A 7 7.47 -2.58 9.25
C SER A 7 8.75 -1.77 9.26
N GLN A 8 9.52 -1.78 8.17
CA GLN A 8 10.83 -1.16 8.12
C GLN A 8 10.82 0.25 7.55
N ILE A 9 9.73 0.69 6.91
CA ILE A 9 9.73 1.98 6.24
C ILE A 9 9.48 3.09 7.26
N THR A 10 10.12 4.23 7.03
CA THR A 10 9.98 5.40 7.87
C THR A 10 9.54 6.57 6.99
N PRO A 11 9.07 7.67 7.56
CA PRO A 11 8.63 8.80 6.74
C PRO A 11 9.81 9.56 6.12
N HIS A 12 9.48 10.33 5.08
CA HIS A 12 10.42 11.26 4.46
C HIS A 12 11.52 10.53 3.69
N GLN A 13 11.16 9.41 3.06
CA GLN A 13 12.13 8.63 2.29
C GLN A 13 11.44 8.06 1.05
N ARG A 14 12.23 7.40 0.21
CA ARG A 14 11.71 6.60 -0.89
C ARG A 14 12.00 5.13 -0.61
N CYS A 15 11.06 4.27 -0.97
CA CYS A 15 11.16 2.86 -0.64
C CYS A 15 10.38 2.04 -1.67
N SER A 16 10.65 0.73 -1.66
CA SER A 16 9.95 -0.23 -2.49
C SER A 16 9.54 -1.41 -1.64
N PHE A 17 8.41 -2.02 -1.99
CA PHE A 17 7.88 -3.11 -1.19
C PHE A 17 6.83 -3.89 -1.99
N TYR A 18 6.62 -5.13 -1.55
CA TYR A 18 5.49 -5.93 -1.99
C TYR A 18 4.38 -5.83 -0.95
N ALA A 19 3.13 -5.86 -1.43
CA ALA A 19 1.98 -5.76 -0.54
C ALA A 19 0.77 -6.36 -1.24
N GLN A 20 -0.29 -6.56 -0.45
CA GLN A 20 -1.58 -7.00 -0.97
C GLN A 20 -2.60 -5.88 -0.78
N VAL A 21 -3.42 -5.65 -1.80
CA VAL A 21 -4.38 -4.57 -1.78
C VAL A 21 -5.60 -4.99 -0.98
N ILE A 22 -5.94 -4.21 0.03
CA ILE A 22 -7.13 -4.46 0.85
C ILE A 22 -8.33 -3.66 0.34
N LYS A 23 -8.14 -2.37 0.08
CA LYS A 23 -9.22 -1.50 -0.32
C LYS A 23 -8.74 -0.58 -1.44
N THR A 24 -9.65 -0.29 -2.35
CA THR A 24 -9.44 0.74 -3.37
C THR A 24 -10.57 1.76 -3.28
N TRP A 25 -10.24 3.00 -3.57
CA TRP A 25 -11.24 4.06 -3.67
C TRP A 25 -10.80 5.07 -4.70
N TYR A 26 -11.67 5.34 -5.67
CA TYR A 26 -11.37 6.34 -6.69
C TYR A 26 -12.27 7.56 -6.51
N SER A 27 -11.73 8.72 -6.87
CA SER A 27 -12.46 9.95 -6.99
C SER A 27 -12.04 10.62 -8.30
N ASP A 28 -12.55 11.81 -8.55
CA ASP A 28 -12.14 12.58 -9.71
C ASP A 28 -10.87 13.39 -9.45
N LYS A 29 -10.21 13.16 -8.32
CA LYS A 29 -8.96 13.82 -7.96
C LYS A 29 -7.78 12.87 -7.93
N ASN A 30 -7.96 11.65 -7.40
CA ASN A 30 -6.85 10.71 -7.25
C ASN A 30 -7.43 9.32 -7.05
N PHE A 31 -6.53 8.34 -6.95
CA PHE A 31 -6.87 6.96 -6.69
C PHE A 31 -6.14 6.52 -5.43
N THR A 32 -6.85 5.87 -4.52
CA THR A 32 -6.31 5.49 -3.21
C THR A 32 -6.26 3.97 -3.09
N LEU A 33 -5.14 3.47 -2.59
CA LEU A 33 -4.99 2.06 -2.22
C LEU A 33 -4.67 1.96 -0.74
N TYR A 34 -5.31 1.01 -0.06
CA TYR A 34 -4.87 0.56 1.25
C TYR A 34 -4.25 -0.82 1.07
N VAL A 35 -2.99 -0.97 1.50
CA VAL A 35 -2.24 -2.17 1.24
C VAL A 35 -1.54 -2.61 2.50
N THR A 36 -1.23 -3.91 2.56
CA THR A 36 -0.58 -4.51 3.71
C THR A 36 0.35 -5.60 3.22
N ASP A 37 1.44 -5.81 3.97
CA ASP A 37 2.21 -7.04 3.86
C ASP A 37 2.15 -7.84 5.16
N TYR A 38 1.16 -7.52 5.99
CA TYR A 38 0.91 -8.23 7.25
C TYR A 38 2.11 -8.14 8.19
N THR A 39 2.80 -7.00 8.15
CA THR A 39 3.78 -6.63 9.16
C THR A 39 3.35 -5.32 9.79
N GLU A 40 3.64 -5.17 11.06
CA GLU A 40 3.21 -4.04 11.84
C GLU A 40 4.17 -2.87 11.83
N ASN A 41 3.62 -1.67 11.81
CA ASN A 41 4.42 -0.47 11.83
C ASN A 41 3.78 0.48 12.82
N GLU A 42 4.55 1.02 13.76
CA GLU A 42 4.02 1.97 14.74
C GLU A 42 3.34 3.23 14.17
N LEU A 43 3.70 3.70 12.97
CA LEU A 43 3.09 4.83 12.36
C LEU A 43 1.81 4.53 11.57
N PHE A 44 1.41 3.26 11.42
CA PHE A 44 0.17 2.98 10.71
C PHE A 44 -1.03 3.20 11.64
N PHE A 45 -2.17 3.45 11.02
CA PHE A 45 -3.39 3.69 11.78
C PHE A 45 -3.88 2.38 12.40
N PRO A 46 -4.31 2.39 13.66
CA PRO A 46 -4.81 1.16 14.26
C PRO A 46 -6.26 0.89 13.91
N MET A 47 -6.50 0.01 12.95
CA MET A 47 -7.85 -0.26 12.50
C MET A 47 -8.61 -1.03 13.57
N SER A 48 -9.74 -0.48 14.00
CA SER A 48 -10.51 -1.06 15.09
C SER A 48 -11.42 -2.17 14.58
N PRO A 49 -11.39 -3.36 15.18
CA PRO A 49 -12.39 -4.39 14.82
C PRO A 49 -13.77 -4.09 15.38
N TYR A 50 -13.92 -3.06 16.22
CA TYR A 50 -15.19 -2.78 16.88
C TYR A 50 -16.01 -1.71 16.19
N THR A 51 -15.39 -0.86 15.35
CA THR A 51 -16.10 0.22 14.69
C THR A 51 -15.80 0.33 13.20
N SER A 52 -14.78 -0.37 12.70
CA SER A 52 -14.49 -0.34 11.27
C SER A 52 -15.68 -0.88 10.48
N SER A 53 -15.93 -0.27 9.33
CA SER A 53 -16.99 -0.75 8.45
C SER A 53 -16.85 -2.25 8.20
N SER A 54 -17.99 -2.94 8.16
CA SER A 54 -17.98 -4.36 7.82
C SER A 54 -17.39 -4.60 6.44
N ARG A 55 -17.24 -3.57 5.64
N ARG A 55 -17.22 -3.57 5.65
CA ARG A 55 -16.69 -3.70 4.32
CA ARG A 55 -16.67 -3.69 4.34
C ARG A 55 -15.18 -3.95 4.37
C ARG A 55 -15.18 -3.94 4.36
N TRP A 56 -14.54 -3.55 5.45
CA TRP A 56 -13.09 -3.74 5.60
C TRP A 56 -12.72 -5.22 5.66
N ARG A 57 -12.08 -5.72 4.60
CA ARG A 57 -11.67 -7.12 4.57
C ARG A 57 -10.18 -7.28 4.77
N GLY A 58 -9.61 -6.45 5.64
CA GLY A 58 -8.19 -6.50 5.92
C GLY A 58 -7.89 -6.73 7.38
N PRO A 59 -6.62 -6.67 7.74
CA PRO A 59 -6.22 -6.91 9.14
C PRO A 59 -6.59 -5.73 10.03
N PHE A 60 -6.56 -5.99 11.33
CA PHE A 60 -6.82 -4.98 12.34
C PHE A 60 -5.52 -4.66 13.07
N GLY A 61 -5.51 -3.49 13.71
CA GLY A 61 -4.27 -2.95 14.24
C GLY A 61 -3.51 -2.16 13.19
N ARG A 62 -2.22 -1.94 13.47
CA ARG A 62 -1.37 -1.09 12.64
C ARG A 62 -0.69 -1.92 11.55
N PHE A 63 -1.50 -2.41 10.61
CA PHE A 63 -1.01 -3.32 9.58
C PHE A 63 -1.22 -2.84 8.15
N SER A 64 -1.92 -1.74 7.92
CA SER A 64 -2.19 -1.27 6.57
C SER A 64 -1.74 0.18 6.42
N ILE A 65 -1.27 0.51 5.22
CA ILE A 65 -0.86 1.87 4.88
C ILE A 65 -1.68 2.34 3.69
N ARG A 66 -1.97 3.64 3.68
CA ARG A 66 -2.73 4.27 2.61
C ARG A 66 -1.78 4.83 1.56
N CYS A 67 -2.05 4.51 0.30
CA CYS A 67 -1.26 5.00 -0.82
C CYS A 67 -2.13 5.94 -1.67
N ILE A 68 -1.61 7.13 -1.96
CA ILE A 68 -2.32 8.11 -2.78
C ILE A 68 -1.66 8.13 -4.15
N LEU A 69 -2.45 7.84 -5.19
CA LEU A 69 -1.96 7.79 -6.56
C LEU A 69 -2.48 9.00 -7.33
N TRP A 70 -1.56 9.76 -7.92
CA TRP A 70 -1.87 10.95 -8.70
C TRP A 70 -1.58 10.74 -10.18
N ASP A 71 -2.23 11.56 -11.01
CA ASP A 71 -1.90 11.73 -12.43
C ASP A 71 -1.81 10.35 -13.10
N GLU A 72 -0.73 10.05 -13.82
CA GLU A 72 -0.68 8.83 -14.63
C GLU A 72 -0.86 7.58 -13.78
N HIS A 73 -0.37 7.60 -12.54
CA HIS A 73 -0.53 6.45 -11.67
C HIS A 73 -2.00 6.23 -11.34
N ASP A 74 -2.73 7.32 -11.09
CA ASP A 74 -4.17 7.25 -10.92
C ASP A 74 -4.85 6.72 -12.18
N PHE A 75 -4.61 7.39 -13.32
CA PHE A 75 -5.29 7.02 -14.56
C PHE A 75 -5.03 5.56 -14.91
N TYR A 76 -3.82 5.08 -14.64
CA TYR A 76 -3.45 3.71 -15.00
C TYR A 76 -4.07 2.68 -14.07
N CYS A 77 -4.08 2.94 -12.76
CA CYS A 77 -4.47 1.94 -11.78
C CYS A 77 -5.95 1.96 -11.43
N ARG A 78 -6.65 3.08 -11.67
CA ARG A 78 -7.98 3.25 -11.09
C ARG A 78 -8.96 2.19 -11.55
N ASN A 79 -8.80 1.68 -12.78
CA ASN A 79 -9.67 0.62 -13.29
C ASN A 79 -8.86 -0.64 -13.60
N TYR A 80 -7.79 -0.82 -12.86
CA TYR A 80 -6.87 -1.93 -13.08
C TYR A 80 -6.50 -2.68 -11.80
N ILE A 81 -5.99 -1.97 -10.81
CA ILE A 81 -5.62 -2.57 -9.55
C ILE A 81 -6.92 -2.82 -8.78
N LYS A 82 -7.15 -4.06 -8.32
CA LYS A 82 -8.36 -4.40 -7.59
C LYS A 82 -8.05 -4.91 -6.19
N GLU A 83 -9.06 -4.89 -5.33
CA GLU A 83 -8.92 -5.37 -3.98
C GLU A 83 -8.55 -6.85 -4.06
N GLY A 84 -7.56 -7.23 -3.28
CA GLY A 84 -7.04 -8.58 -3.28
C GLY A 84 -5.82 -8.79 -4.16
N ASP A 85 -5.63 -7.94 -5.17
CA ASP A 85 -4.42 -8.03 -5.99
C ASP A 85 -3.18 -7.91 -5.13
N TYR A 86 -2.12 -8.58 -5.56
CA TYR A 86 -0.78 -8.35 -5.03
C TYR A 86 -0.07 -7.37 -5.95
N VAL A 87 0.64 -6.41 -5.35
CA VAL A 87 1.33 -5.37 -6.10
C VAL A 87 2.77 -5.27 -5.63
N VAL A 88 3.61 -4.73 -6.53
CA VAL A 88 4.96 -4.30 -6.19
C VAL A 88 5.04 -2.81 -6.48
N MET A 89 5.47 -2.04 -5.49
CA MET A 89 5.56 -0.59 -5.59
C MET A 89 7.01 -0.19 -5.40
N LYS A 90 7.54 0.59 -6.35
CA LYS A 90 8.96 0.87 -6.42
C LYS A 90 9.21 2.37 -6.31
N ASN A 91 10.08 2.74 -5.38
CA ASN A 91 10.59 4.11 -5.25
C ASN A 91 9.47 5.11 -4.98
N VAL A 92 8.46 4.67 -4.24
CA VAL A 92 7.39 5.58 -3.84
C VAL A 92 7.88 6.45 -2.68
N ARG A 93 7.22 7.59 -2.50
CA ARG A 93 7.57 8.54 -1.47
C ARG A 93 6.70 8.31 -0.23
N THR A 94 7.33 8.38 0.93
CA THR A 94 6.64 8.26 2.21
C THR A 94 6.56 9.62 2.89
N LYS A 95 5.41 9.92 3.49
CA LYS A 95 5.22 11.16 4.22
C LYS A 95 4.39 10.88 5.47
N ILE A 96 4.23 11.92 6.29
CA ILE A 96 3.40 11.88 7.48
C ILE A 96 2.17 12.73 7.21
N ASP A 97 0.98 12.16 7.45
CA ASP A 97 -0.23 12.94 7.29
C ASP A 97 -0.38 13.90 8.47
N HIS A 98 -1.36 14.75 8.43
CA HIS A 98 -1.58 15.75 9.44
C HIS A 98 -1.69 15.23 10.85
N LEU A 99 -2.13 14.00 10.99
CA LEU A 99 -2.32 13.40 12.30
C LEU A 99 -1.17 12.47 12.70
N GLY A 100 -0.04 12.55 12.01
CA GLY A 100 1.12 11.78 12.37
C GLY A 100 1.20 10.39 11.78
N TYR A 101 0.24 10.00 10.94
CA TYR A 101 0.21 8.66 10.39
C TYR A 101 1.01 8.60 9.10
N LEU A 102 1.81 7.55 8.96
CA LEU A 102 2.61 7.34 7.76
C LEU A 102 1.73 6.96 6.58
N GLU A 103 2.08 7.45 5.41
CA GLU A 103 1.43 7.10 4.16
C GLU A 103 2.40 7.24 3.02
N CYS A 104 2.07 6.69 1.89
CA CYS A 104 2.93 6.81 0.79
C CYS A 104 2.22 7.49 -0.41
N ILE A 105 3.00 8.13 -1.26
CA ILE A 105 2.50 8.93 -2.36
C ILE A 105 3.20 8.68 -3.69
N LEU A 106 2.40 8.65 -4.74
CA LEU A 106 2.90 8.50 -6.12
C LEU A 106 2.52 9.79 -6.85
N HIS A 107 3.42 10.77 -6.83
CA HIS A 107 3.20 12.01 -7.54
C HIS A 107 3.38 11.81 -9.05
N GLY A 108 2.75 12.68 -9.82
CA GLY A 108 2.99 12.69 -11.25
C GLY A 108 4.46 12.94 -11.54
N ASP A 109 5.00 12.17 -12.49
CA ASP A 109 6.43 12.22 -12.81
C ASP A 109 6.62 12.06 -14.32
N SER A 110 6.11 13.03 -15.08
CA SER A 110 6.25 13.00 -16.53
C SER A 110 7.72 13.05 -16.95
N ALA A 111 8.57 13.68 -16.14
CA ALA A 111 9.99 13.71 -16.42
C ALA A 111 10.65 12.35 -16.20
N LYS A 112 9.93 11.39 -15.62
CA LYS A 112 10.51 10.08 -15.31
C LYS A 112 11.80 10.24 -14.52
N ARG A 113 11.77 11.17 -13.56
CA ARG A 113 12.94 11.53 -12.78
C ARG A 113 13.18 10.57 -11.62
N TYR A 114 12.13 9.91 -11.14
CA TYR A 114 12.21 9.06 -9.96
C TYR A 114 11.97 7.59 -10.26
N ASN A 115 11.60 7.25 -11.48
CA ASN A 115 11.45 5.85 -11.90
C ASN A 115 10.49 5.10 -10.96
N MET A 116 9.39 5.74 -10.61
CA MET A 116 8.37 5.10 -9.80
C MET A 116 7.55 4.12 -10.63
N SER A 117 6.95 3.15 -9.96
CA SER A 117 6.12 2.19 -10.66
C SER A 117 5.28 1.42 -9.65
N ILE A 118 4.12 0.96 -10.11
CA ILE A 118 3.30 0.00 -9.39
C ILE A 118 2.79 -1.00 -10.41
N GLU A 119 2.86 -2.29 -10.06
CA GLU A 119 2.40 -3.31 -10.98
C GLU A 119 1.86 -4.49 -10.20
N LYS A 120 0.97 -5.24 -10.86
CA LYS A 120 0.45 -6.47 -10.29
C LYS A 120 1.53 -7.54 -10.24
N VAL A 121 1.44 -8.40 -9.24
CA VAL A 121 2.32 -9.53 -9.09
C VAL A 121 1.47 -10.79 -9.07
N ASP A 122 1.82 -11.75 -9.94
CA ASP A 122 1.12 -13.02 -9.95
C ASP A 122 1.22 -13.68 -8.58
N SER A 123 0.12 -14.29 -8.15
CA SER A 123 0.06 -14.85 -6.79
C SER A 123 1.12 -15.92 -6.55
N GLU A 124 1.72 -16.47 -7.61
CA GLU A 124 2.62 -17.61 -7.48
C GLU A 124 4.09 -17.21 -7.44
N GLU A 125 4.41 -15.93 -7.60
CA GLU A 125 5.79 -15.51 -7.48
C GLU A 125 6.29 -15.75 -6.07
N PRO A 126 7.46 -16.36 -5.89
CA PRO A 126 7.96 -16.59 -4.52
C PRO A 126 8.14 -15.32 -3.71
N GLU A 127 8.25 -14.17 -4.38
CA GLU A 127 8.37 -12.90 -3.66
C GLU A 127 7.20 -12.67 -2.71
N LEU A 128 6.09 -13.29 -3.01
CA LEU A 128 4.94 -13.21 -2.15
C LEU A 128 4.84 -14.30 -1.05
N ASN A 129 5.75 -15.25 -0.96
CA ASN A 129 5.69 -16.31 0.00
C ASN A 129 5.55 -15.83 1.40
N GLU A 130 6.39 -14.90 1.80
CA GLU A 130 6.36 -14.32 3.10
C GLU A 130 5.00 -13.65 3.48
N ILE A 131 4.37 -12.96 2.55
CA ILE A 131 3.14 -12.32 2.80
C ILE A 131 2.05 -13.34 3.09
N LYS A 132 1.91 -14.32 2.24
CA LYS A 132 0.93 -15.37 2.42
C LYS A 132 1.12 -16.14 3.71
N SER A 133 2.35 -16.42 4.07
CA SER A 133 2.61 -17.14 5.31
C SER A 133 2.29 -16.28 6.52
N ARG A 134 2.55 -14.98 6.45
CA ARG A 134 2.21 -14.08 7.56
C ARG A 134 0.71 -13.87 7.65
N LYS A 135 0.01 -13.87 6.52
CA LYS A 135 -1.44 -13.73 6.54
C LYS A 135 -2.10 -14.89 7.29
N ARG A 136 -1.47 -16.07 7.27
CA ARG A 136 -2.02 -17.20 8.01
C ARG A 136 -2.06 -16.93 9.50
N LEU A 137 -1.19 -16.06 10.00
CA LEU A 137 -1.15 -15.79 11.44
C LEU A 137 -2.35 -14.98 11.90
N TYR A 138 -2.93 -14.16 11.01
CA TYR A 138 -3.98 -13.21 11.38
C TYR A 138 -5.35 -13.61 10.84
N VAL A 139 -5.59 -14.92 10.71
CA VAL A 139 -6.90 -15.42 10.31
C VAL A 139 -7.29 -16.59 11.19
#